data_2ASO
#
_entry.id   2ASO
#
_cell.length_a   58.182
_cell.length_b   54.989
_cell.length_c   103.520
_cell.angle_alpha   90.00
_cell.angle_beta   92.41
_cell.angle_gamma   90.00
#
_symmetry.space_group_name_H-M   'C 1 2 1'
#
loop_
_entity.id
_entity.type
_entity.pdbx_description
1 polymer 'Actin, alpha skeletal muscle'
2 non-polymer 'CALCIUM ION'
3 non-polymer "ADENOSINE-5'-TRIPHOSPHATE"
4 non-polymer 'SPHINXOLIDE B'
5 water water
#
_entity_poly.entity_id   1
_entity_poly.type   'polypeptide(L)'
_entity_poly.pdbx_seq_one_letter_code
;DEDETTALVCDNGSGLVKAGFAGDDAPRAVFPSIVGRPRHQGVMVGMGQKDSYVGDEAQSKRGILTLKYPIE(HIC)GII
TNWDDMEKIWHHTFYNELRVAPEEHPTLLTEAPLNPKANREKMTQIMFETFNVPAMYVAIQAVLSLYASGRTTGIVLDSG
DGVTHNVPIYEGYALPHAIMRLDLAGRDLTDYLMKILTERGYSFVTTAEREIVRDIKEKLCYVALDFENEMATAASSSSL
EKSYELPDGQVITIGNERFRCPETLFQPSFIGMESAGIHETTYNSIMKCDIDIRKDLYANNVMSGGTTMYPGIADRMQKE
ITALAPSTMKIKIIAPPERKYSVWIGGSILASLSTFQQMWITKQEYDEAGPSIVHRKCF
;
_entity_poly.pdbx_strand_id   A
#
loop_
_chem_comp.id
_chem_comp.type
_chem_comp.name
_chem_comp.formula
ATP non-polymer ADENOSINE-5'-TRIPHOSPHATE 'C10 H16 N5 O13 P3'
CA non-polymer 'CALCIUM ION' 'Ca 2'
SPX non-polymer 'SPHINXOLIDE B' 'C53 H85 N O14'
#
# COMPACT_ATOMS: atom_id res chain seq x y z
N THR A 5 -0.59 -28.91 3.68
CA THR A 5 0.35 -28.04 2.91
C THR A 5 -0.04 -26.57 3.10
N THR A 6 0.96 -25.73 3.33
CA THR A 6 0.73 -24.36 3.74
C THR A 6 0.90 -23.43 2.53
N ALA A 7 -0.06 -22.52 2.36
CA ALA A 7 0.00 -21.52 1.29
C ALA A 7 0.92 -20.37 1.67
N LEU A 8 1.56 -19.77 0.67
CA LEU A 8 2.34 -18.56 0.85
C LEU A 8 1.48 -17.39 0.41
N VAL A 9 1.70 -16.24 1.03
CA VAL A 9 1.00 -15.00 0.64
C VAL A 9 2.07 -13.97 0.41
N CYS A 10 2.13 -13.40 -0.81
CA CYS A 10 3.13 -12.41 -1.12
C CYS A 10 2.44 -11.17 -1.65
N ASP A 11 2.50 -10.12 -0.85
CA ASP A 11 1.90 -8.83 -1.15
C ASP A 11 2.98 -7.90 -1.69
N ASN A 12 2.98 -7.73 -3.01
CA ASN A 12 4.03 -7.05 -3.74
C ASN A 12 3.67 -5.56 -3.81
N GLY A 13 4.38 -4.70 -3.08
CA GLY A 13 4.08 -3.28 -3.04
C GLY A 13 5.17 -2.41 -3.68
N SER A 14 4.85 -1.14 -3.98
CA SER A 14 5.82 -0.27 -4.62
C SER A 14 7.03 -0.01 -3.74
N GLY A 15 6.82 0.01 -2.44
CA GLY A 15 7.89 0.27 -1.48
C GLY A 15 8.36 -0.94 -0.71
N LEU A 16 7.41 -1.78 -0.36
CA LEU A 16 7.62 -2.94 0.51
C LEU A 16 6.95 -4.19 -0.02
N VAL A 17 7.65 -5.31 0.13
CA VAL A 17 7.08 -6.62 -0.06
C VAL A 17 6.73 -7.11 1.33
N LYS A 18 5.51 -7.60 1.48
CA LYS A 18 5.03 -8.26 2.70
C LYS A 18 4.76 -9.71 2.33
N ALA A 19 5.52 -10.62 2.94
CA ALA A 19 5.41 -12.04 2.58
C ALA A 19 5.38 -12.89 3.83
N GLY A 20 4.65 -13.98 3.75
CA GLY A 20 4.57 -14.91 4.85
C GLY A 20 3.76 -16.12 4.49
N PHE A 21 3.30 -16.81 5.53
CA PHE A 21 2.54 -18.03 5.40
C PHE A 21 1.11 -17.77 5.80
N ALA A 22 0.19 -18.27 5.01
CA ALA A 22 -1.22 -18.17 5.35
C ALA A 22 -1.45 -18.84 6.70
N GLY A 23 -2.31 -18.24 7.50
CA GLY A 23 -2.50 -18.64 8.89
C GLY A 23 -1.72 -17.83 9.91
N ASP A 24 -0.58 -17.23 9.53
CA ASP A 24 0.17 -16.37 10.45
C ASP A 24 -0.59 -15.06 10.75
N ASP A 25 -0.28 -14.43 11.87
CA ASP A 25 -0.94 -13.16 12.27
C ASP A 25 -0.58 -12.01 11.34
N ALA A 26 0.64 -12.09 10.81
CA ALA A 26 1.30 -10.98 10.14
C ALA A 26 2.40 -11.50 9.22
N PRO A 27 2.79 -10.74 8.21
CA PRO A 27 3.89 -11.19 7.34
C PRO A 27 5.19 -11.36 8.12
N ARG A 28 5.84 -12.51 7.96
CA ARG A 28 7.14 -12.75 8.57
C ARG A 28 8.21 -11.87 7.95
N ALA A 29 8.06 -11.58 6.66
CA ALA A 29 9.10 -10.88 5.93
C ALA A 29 8.57 -9.58 5.36
N VAL A 30 9.23 -8.49 5.70
CA VAL A 30 8.85 -7.15 5.24
C VAL A 30 10.14 -6.45 4.84
N PHE A 31 10.31 -6.17 3.56
CA PHE A 31 11.55 -5.63 3.09
C PHE A 31 11.30 -4.78 1.86
N PRO A 32 12.21 -3.85 1.60
CA PRO A 32 12.07 -2.94 0.47
C PRO A 32 12.03 -3.63 -0.89
N SER A 33 11.15 -3.15 -1.75
CA SER A 33 10.96 -3.71 -3.08
C SER A 33 12.02 -3.16 -3.99
N ILE A 34 13.28 -3.54 -3.75
CA ILE A 34 14.44 -3.00 -4.45
C ILE A 34 15.34 -4.15 -4.89
N VAL A 35 15.89 -4.04 -6.09
CA VAL A 35 16.93 -4.96 -6.56
C VAL A 35 18.17 -4.16 -6.89
N GLY A 36 19.31 -4.61 -6.38
CA GLY A 36 20.60 -3.98 -6.65
C GLY A 36 21.55 -4.90 -7.43
N ARG A 37 22.20 -4.35 -8.44
CA ARG A 37 23.25 -5.08 -9.15
C ARG A 37 24.58 -4.32 -9.04
N PRO A 38 25.70 -5.05 -8.90
CA PRO A 38 27.02 -4.41 -8.83
C PRO A 38 27.30 -3.55 -10.04
N ARG A 39 27.76 -2.33 -9.80
N LYS A 50 28.11 -10.61 -4.65
CA LYS A 50 27.12 -11.43 -5.36
C LYS A 50 26.65 -10.75 -6.64
N ASP A 51 25.91 -11.50 -7.46
CA ASP A 51 25.44 -10.99 -8.76
C ASP A 51 24.27 -10.01 -8.58
N SER A 52 23.44 -10.26 -7.58
CA SER A 52 22.35 -9.34 -7.29
C SER A 52 21.99 -9.35 -5.80
N TYR A 53 21.38 -8.26 -5.37
CA TYR A 53 20.97 -8.09 -3.98
C TYR A 53 19.54 -7.60 -3.98
N VAL A 54 18.80 -7.97 -2.93
CA VAL A 54 17.40 -7.58 -2.79
C VAL A 54 17.10 -7.09 -1.38
N GLY A 55 16.22 -6.09 -1.26
CA GLY A 55 15.64 -5.74 0.01
C GLY A 55 16.61 -5.05 0.94
N ASP A 56 16.58 -5.43 2.22
CA ASP A 56 17.41 -4.81 3.27
C ASP A 56 18.88 -4.70 2.87
N GLU A 57 19.45 -5.81 2.36
CA GLU A 57 20.85 -5.86 1.91
C GLU A 57 21.14 -4.94 0.71
N ALA A 58 20.26 -4.88 -0.27
CA ALA A 58 20.42 -3.94 -1.39
C ALA A 58 20.46 -2.46 -0.92
N GLN A 59 19.62 -2.14 0.06
CA GLN A 59 19.49 -0.79 0.62
C GLN A 59 20.78 -0.41 1.36
N SER A 60 21.19 -1.27 2.28
CA SER A 60 22.42 -1.06 3.06
C SER A 60 23.69 -1.00 2.21
N LYS A 61 23.68 -1.65 1.03
CA LYS A 61 24.86 -1.71 0.15
C LYS A 61 24.71 -0.82 -1.10
N ARG A 62 23.71 0.05 -1.10
CA ARG A 62 23.37 0.85 -2.28
C ARG A 62 24.52 1.66 -2.88
N GLY A 63 25.58 1.88 -2.10
CA GLY A 63 26.74 2.61 -2.56
C GLY A 63 27.41 2.03 -3.80
N ILE A 64 27.59 0.71 -3.81
CA ILE A 64 28.27 0.01 -4.91
C ILE A 64 27.30 -0.72 -5.85
N LEU A 65 26.02 -0.39 -5.77
CA LEU A 65 24.99 -1.01 -6.60
C LEU A 65 24.14 0.00 -7.33
N THR A 66 23.78 -0.34 -8.56
CA THR A 66 22.56 0.21 -9.15
C THR A 66 21.22 -0.31 -8.68
N LEU A 67 20.41 0.55 -8.09
CA LEU A 67 19.11 0.14 -7.57
C LEU A 67 18.01 0.24 -8.61
N LYS A 68 17.19 -0.81 -8.65
CA LYS A 68 16.00 -0.89 -9.50
C LYS A 68 14.79 -1.06 -8.58
N TYR A 69 13.70 -0.39 -8.97
CA TYR A 69 12.45 -0.35 -8.23
C TYR A 69 11.40 -0.90 -9.19
N PRO A 70 11.24 -2.22 -9.23
CA PRO A 70 10.44 -2.88 -10.28
C PRO A 70 8.94 -2.70 -10.18
N ILE A 71 8.42 -2.21 -9.06
CA ILE A 71 7.01 -1.89 -8.93
C ILE A 71 6.86 -0.38 -8.81
N GLU A 72 6.14 0.19 -9.77
CA GLU A 72 5.88 1.63 -9.88
C GLU A 72 4.37 1.85 -9.84
N HIC A 73 3.88 2.80 -9.08
CA HIC A 73 2.57 2.97 -8.51
C HIC A 73 1.70 1.72 -8.53
O HIC A 73 0.65 1.67 -9.18
CB HIC A 73 1.86 3.91 -9.49
CG HIC A 73 2.65 5.14 -9.83
ND1 HIC A 73 2.94 6.12 -8.90
CD2 HIC A 73 3.24 5.53 -10.98
CE1 HIC A 73 3.67 7.06 -9.46
NE2 HIC A 73 3.88 6.75 -10.75
CZ HIC A 73 4.61 7.48 -11.75
N GLY A 74 2.27 0.67 -7.94
CA GLY A 74 1.61 -0.61 -7.71
C GLY A 74 1.66 -1.58 -8.87
N ILE A 75 2.22 -1.16 -10.00
CA ILE A 75 2.29 -1.99 -11.21
C ILE A 75 3.71 -2.52 -11.43
N ILE A 76 3.84 -3.80 -11.73
CA ILE A 76 5.16 -4.37 -12.03
C ILE A 76 5.59 -3.87 -13.41
N THR A 77 6.76 -3.25 -13.49
CA THR A 77 7.25 -2.69 -14.77
C THR A 77 8.51 -3.35 -15.29
N ASN A 78 9.21 -4.11 -14.45
CA ASN A 78 10.41 -4.80 -14.88
C ASN A 78 10.37 -6.24 -14.38
N TRP A 79 10.13 -7.15 -15.31
CA TRP A 79 9.90 -8.55 -14.96
C TRP A 79 11.17 -9.32 -14.56
N ASP A 80 12.31 -8.97 -15.11
CA ASP A 80 13.55 -9.61 -14.67
C ASP A 80 13.83 -9.32 -13.19
N ASP A 81 13.70 -8.05 -12.81
CA ASP A 81 13.93 -7.60 -11.44
C ASP A 81 12.86 -8.19 -10.52
N MET A 82 11.61 -8.28 -11.00
CA MET A 82 10.53 -8.83 -10.17
C MET A 82 10.78 -10.33 -9.89
N GLU A 83 11.30 -11.03 -10.89
CA GLU A 83 11.70 -12.43 -10.71
C GLU A 83 12.76 -12.55 -9.61
N LYS A 84 13.71 -11.62 -9.58
CA LYS A 84 14.70 -11.61 -8.52
C LYS A 84 14.08 -11.35 -7.18
N ILE A 85 13.09 -10.45 -7.11
CA ILE A 85 12.42 -10.20 -5.83
C ILE A 85 11.71 -11.44 -5.32
N TRP A 86 10.95 -12.09 -6.19
CA TRP A 86 10.25 -13.32 -5.84
C TRP A 86 11.20 -14.46 -5.47
N HIS A 87 12.30 -14.59 -6.19
CA HIS A 87 13.33 -15.60 -5.85
C HIS A 87 13.83 -15.37 -4.43
N HIS A 88 14.17 -14.13 -4.13
CA HIS A 88 14.68 -13.75 -2.81
C HIS A 88 13.63 -14.00 -1.74
N THR A 89 12.38 -13.69 -2.04
CA THR A 89 11.29 -13.91 -1.12
C THR A 89 11.15 -15.39 -0.72
N PHE A 90 11.08 -16.27 -1.70
CA PHE A 90 10.90 -17.70 -1.47
C PHE A 90 12.12 -18.28 -0.71
N TYR A 91 13.30 -18.11 -1.29
CA TYR A 91 14.49 -18.84 -0.86
C TYR A 91 15.23 -18.22 0.33
N ASN A 92 15.34 -16.90 0.35
CA ASN A 92 16.14 -16.21 1.36
C ASN A 92 15.30 -15.69 2.52
N GLU A 93 14.13 -15.12 2.24
CA GLU A 93 13.30 -14.55 3.31
C GLU A 93 12.43 -15.57 4.01
N LEU A 94 11.73 -16.39 3.24
CA LEU A 94 10.85 -17.41 3.81
C LEU A 94 11.52 -18.79 3.97
N ARG A 95 12.65 -18.99 3.28
CA ARG A 95 13.39 -20.27 3.27
C ARG A 95 12.49 -21.47 2.93
N VAL A 96 11.80 -21.37 1.79
CA VAL A 96 10.92 -22.43 1.30
C VAL A 96 11.23 -22.77 -0.15
N ALA A 97 10.83 -23.97 -0.53
CA ALA A 97 10.89 -24.45 -1.90
C ALA A 97 9.53 -24.07 -2.51
N PRO A 98 9.52 -23.17 -3.50
CA PRO A 98 8.25 -22.75 -4.12
C PRO A 98 7.42 -23.90 -4.67
N GLU A 99 8.08 -24.92 -5.21
CA GLU A 99 7.41 -26.12 -5.73
C GLU A 99 6.43 -26.81 -4.76
N GLU A 100 6.61 -26.60 -3.47
CA GLU A 100 5.82 -27.25 -2.43
C GLU A 100 4.64 -26.42 -1.89
N HIS A 101 4.49 -25.18 -2.35
CA HIS A 101 3.55 -24.25 -1.74
C HIS A 101 2.64 -23.50 -2.75
N PRO A 102 1.33 -23.67 -2.64
CA PRO A 102 0.40 -22.79 -3.35
C PRO A 102 0.70 -21.33 -2.96
N THR A 103 0.67 -20.42 -3.91
CA THR A 103 1.15 -19.07 -3.68
C THR A 103 0.07 -18.08 -4.12
N LEU A 104 -0.39 -17.27 -3.17
CA LEU A 104 -1.32 -16.18 -3.44
C LEU A 104 -0.53 -14.88 -3.59
N LEU A 105 -0.68 -14.25 -4.75
CA LEU A 105 0.00 -13.01 -5.07
C LEU A 105 -1.04 -11.92 -5.08
N THR A 106 -0.62 -10.69 -4.84
CA THR A 106 -1.57 -9.60 -4.89
C THR A 106 -1.22 -8.68 -6.07
N GLU A 107 -2.21 -7.90 -6.47
CA GLU A 107 -2.06 -6.96 -7.57
C GLU A 107 -2.83 -5.68 -7.28
N ALA A 108 -2.46 -4.64 -7.98
CA ALA A 108 -3.07 -3.34 -7.84
C ALA A 108 -4.43 -3.36 -8.54
N PRO A 109 -5.37 -2.52 -8.11
CA PRO A 109 -6.63 -2.37 -8.84
C PRO A 109 -6.33 -1.94 -10.27
N LEU A 110 -7.09 -2.45 -11.23
CA LEU A 110 -6.91 -2.08 -12.64
C LEU A 110 -5.55 -2.51 -13.26
N ASN A 111 -4.89 -3.50 -12.66
CA ASN A 111 -3.68 -4.09 -13.23
C ASN A 111 -3.98 -4.62 -14.63
N PRO A 112 -3.21 -4.23 -15.65
CA PRO A 112 -3.48 -4.70 -17.02
C PRO A 112 -3.48 -6.23 -17.14
N LYS A 113 -4.37 -6.74 -17.99
CA LYS A 113 -4.48 -8.16 -18.29
C LYS A 113 -3.12 -8.82 -18.59
N ALA A 114 -2.28 -8.15 -19.38
CA ALA A 114 -0.99 -8.71 -19.77
C ALA A 114 -0.10 -8.94 -18.55
N ASN A 115 -0.19 -8.04 -17.58
CA ASN A 115 0.61 -8.19 -16.36
C ASN A 115 0.15 -9.40 -15.54
N ARG A 116 -1.15 -9.65 -15.46
CA ARG A 116 -1.64 -10.83 -14.75
C ARG A 116 -1.15 -12.13 -15.41
N GLU A 117 -1.10 -12.16 -16.75
CA GLU A 117 -0.57 -13.33 -17.45
C GLU A 117 0.91 -13.56 -17.20
N LYS A 118 1.70 -12.49 -17.18
CA LYS A 118 3.12 -12.60 -16.96
C LYS A 118 3.40 -13.12 -15.54
N MET A 119 2.65 -12.60 -14.58
CA MET A 119 2.76 -13.06 -13.19
C MET A 119 2.52 -14.56 -13.11
N THR A 120 1.48 -15.02 -13.81
CA THR A 120 1.07 -16.42 -13.82
C THR A 120 2.15 -17.29 -14.48
N GLN A 121 2.62 -16.86 -15.64
CA GLN A 121 3.66 -17.59 -16.36
C GLN A 121 4.92 -17.75 -15.52
N ILE A 122 5.37 -16.67 -14.87
CA ILE A 122 6.59 -16.72 -14.07
C ILE A 122 6.43 -17.67 -12.88
N MET A 123 5.27 -17.62 -12.22
CA MET A 123 5.06 -18.45 -11.05
C MET A 123 5.13 -19.91 -11.45
N PHE A 124 4.50 -20.27 -12.57
CA PHE A 124 4.45 -21.67 -12.98
C PHE A 124 5.71 -22.13 -13.71
N GLU A 125 6.25 -21.32 -14.61
CA GLU A 125 7.40 -21.76 -15.40
C GLU A 125 8.74 -21.51 -14.75
N THR A 126 8.91 -20.39 -14.04
CA THR A 126 10.16 -20.13 -13.33
C THR A 126 10.23 -20.82 -11.98
N PHE A 127 9.19 -20.69 -11.17
CA PHE A 127 9.22 -21.17 -9.78
C PHE A 127 8.50 -22.50 -9.59
N ASN A 128 7.79 -22.96 -10.62
CA ASN A 128 7.13 -24.25 -10.64
C ASN A 128 6.16 -24.47 -9.48
N VAL A 129 5.39 -23.43 -9.14
CA VAL A 129 4.48 -23.54 -8.00
C VAL A 129 3.40 -24.56 -8.34
N PRO A 130 2.90 -25.26 -7.33
CA PRO A 130 1.82 -26.25 -7.55
C PRO A 130 0.47 -25.62 -7.80
N ALA A 131 0.29 -24.38 -7.31
CA ALA A 131 -0.92 -23.63 -7.51
C ALA A 131 -0.66 -22.16 -7.23
N MET A 132 -1.51 -21.31 -7.76
CA MET A 132 -1.42 -19.88 -7.49
C MET A 132 -2.73 -19.15 -7.72
N TYR A 133 -2.80 -17.92 -7.23
CA TYR A 133 -3.96 -17.10 -7.39
C TYR A 133 -3.47 -15.65 -7.31
N VAL A 134 -4.15 -14.76 -8.01
CA VAL A 134 -3.85 -13.33 -7.98
C VAL A 134 -5.09 -12.60 -7.52
N ALA A 135 -4.98 -11.84 -6.41
CA ALA A 135 -6.10 -11.08 -5.88
C ALA A 135 -5.80 -9.60 -5.77
N ILE A 136 -6.84 -8.79 -5.85
CA ILE A 136 -6.73 -7.34 -5.80
C ILE A 136 -6.48 -6.89 -4.36
N GLN A 137 -5.44 -6.09 -4.17
CA GLN A 137 -5.01 -5.68 -2.84
C GLN A 137 -6.16 -5.05 -2.01
N ALA A 138 -6.88 -4.09 -2.56
CA ALA A 138 -7.93 -3.38 -1.80
C ALA A 138 -9.02 -4.33 -1.36
N VAL A 139 -9.32 -5.32 -2.19
CA VAL A 139 -10.36 -6.27 -1.89
C VAL A 139 -9.95 -7.09 -0.65
N LEU A 140 -8.70 -7.52 -0.60
CA LEU A 140 -8.17 -8.28 0.54
C LEU A 140 -8.23 -7.45 1.81
N SER A 141 -7.91 -6.16 1.72
CA SER A 141 -7.96 -5.31 2.91
C SER A 141 -9.39 -5.21 3.45
N LEU A 142 -10.37 -5.18 2.55
CA LEU A 142 -11.76 -5.15 2.98
C LEU A 142 -12.09 -6.45 3.70
N TYR A 143 -11.69 -7.57 3.12
CA TYR A 143 -11.93 -8.86 3.78
C TYR A 143 -11.33 -8.90 5.17
N ALA A 144 -10.13 -8.36 5.32
CA ALA A 144 -9.43 -8.34 6.61
C ALA A 144 -10.21 -7.59 7.69
N SER A 145 -11.05 -6.64 7.26
CA SER A 145 -11.85 -5.84 8.18
C SER A 145 -13.14 -6.53 8.58
N GLY A 146 -13.41 -7.70 7.99
CA GLY A 146 -14.62 -8.44 8.28
C GLY A 146 -15.81 -8.10 7.41
N ARG A 147 -15.54 -7.53 6.23
CA ARG A 147 -16.59 -7.09 5.33
C ARG A 147 -16.41 -7.59 3.90
N THR A 148 -17.52 -7.73 3.19
CA THR A 148 -17.48 -7.96 1.74
C THR A 148 -18.09 -6.79 0.99
N THR A 149 -18.64 -5.81 1.69
CA THR A 149 -19.14 -4.58 1.07
C THR A 149 -18.53 -3.36 1.75
N GLY A 150 -17.98 -2.43 0.97
CA GLY A 150 -17.45 -1.18 1.48
C GLY A 150 -16.62 -0.47 0.43
N ILE A 151 -16.07 0.68 0.79
CA ILE A 151 -15.15 1.39 -0.11
C ILE A 151 -13.83 1.55 0.61
N VAL A 152 -12.77 1.08 -0.04
CA VAL A 152 -11.43 1.08 0.51
C VAL A 152 -10.67 2.27 -0.01
N LEU A 153 -10.03 2.99 0.91
CA LEU A 153 -8.95 3.91 0.56
C LEU A 153 -7.64 3.19 0.89
N ASP A 154 -6.88 2.84 -0.15
CA ASP A 154 -5.62 2.11 0.01
C ASP A 154 -4.51 3.07 -0.39
N SER A 155 -3.63 3.40 0.54
CA SER A 155 -2.56 4.36 0.31
C SER A 155 -1.26 3.79 0.84
N GLY A 156 -0.32 3.60 -0.08
CA GLY A 156 0.95 2.94 0.19
C GLY A 156 2.13 3.87 0.06
N ASP A 157 3.21 3.37 -0.52
CA ASP A 157 4.42 4.16 -0.76
C ASP A 157 4.38 4.84 -2.15
N GLY A 158 3.69 4.22 -3.12
CA GLY A 158 3.71 4.69 -4.50
C GLY A 158 2.40 5.14 -5.09
N VAL A 159 1.29 4.63 -4.57
CA VAL A 159 -0.03 4.95 -5.16
C VAL A 159 -1.15 4.91 -4.12
N THR A 160 -2.21 5.67 -4.39
CA THR A 160 -3.42 5.65 -3.57
C THR A 160 -4.59 5.30 -4.50
N HIS A 161 -5.46 4.41 -4.05
CA HIS A 161 -6.67 4.08 -4.81
C HIS A 161 -7.88 4.20 -3.90
N ASN A 162 -9.01 4.53 -4.50
CA ASN A 162 -10.32 4.26 -3.89
C ASN A 162 -10.98 3.13 -4.65
N VAL A 163 -11.36 2.08 -3.93
CA VAL A 163 -11.95 0.90 -4.54
C VAL A 163 -13.27 0.54 -3.85
N PRO A 164 -14.40 0.85 -4.48
CA PRO A 164 -15.69 0.37 -4.01
C PRO A 164 -15.86 -1.09 -4.37
N ILE A 165 -16.43 -1.83 -3.44
CA ILE A 165 -16.53 -3.27 -3.46
C ILE A 165 -17.91 -3.66 -2.90
N TYR A 166 -18.62 -4.54 -3.62
CA TYR A 166 -19.99 -4.89 -3.28
C TYR A 166 -20.17 -6.38 -3.37
N GLU A 167 -20.55 -6.95 -2.23
CA GLU A 167 -20.76 -8.37 -2.04
C GLU A 167 -19.60 -9.20 -2.54
N GLY A 168 -18.40 -8.66 -2.30
CA GLY A 168 -17.16 -9.41 -2.40
C GLY A 168 -16.32 -9.05 -3.59
N TYR A 169 -16.85 -8.26 -4.52
CA TYR A 169 -16.19 -7.98 -5.79
C TYR A 169 -16.00 -6.49 -6.03
N ALA A 170 -14.80 -6.09 -6.46
CA ALA A 170 -14.56 -4.69 -6.84
C ALA A 170 -15.46 -4.24 -7.98
N LEU A 171 -15.76 -2.95 -8.01
CA LEU A 171 -16.52 -2.30 -9.07
C LEU A 171 -15.54 -1.48 -9.91
N PRO A 172 -14.95 -2.10 -10.94
CA PRO A 172 -13.81 -1.49 -11.64
C PRO A 172 -14.10 -0.14 -12.27
N HIS A 173 -15.34 0.09 -12.68
CA HIS A 173 -15.67 1.36 -13.34
C HIS A 173 -15.72 2.55 -12.36
N ALA A 174 -15.70 2.26 -11.05
CA ALA A 174 -15.77 3.32 -10.03
C ALA A 174 -14.45 3.56 -9.28
N ILE A 175 -13.40 2.82 -9.65
CA ILE A 175 -12.09 2.93 -9.00
C ILE A 175 -11.43 4.25 -9.35
N MET A 176 -10.80 4.88 -8.36
CA MET A 176 -10.05 6.13 -8.58
C MET A 176 -8.59 5.85 -8.18
N ARG A 177 -7.65 6.34 -8.99
CA ARG A 177 -6.21 6.19 -8.75
C ARG A 177 -5.63 7.57 -8.58
N LEU A 178 -4.84 7.76 -7.53
CA LEU A 178 -4.17 9.03 -7.28
C LEU A 178 -2.68 8.72 -7.11
N ASP A 179 -1.83 9.31 -7.95
CA ASP A 179 -0.38 9.05 -7.88
C ASP A 179 0.31 9.95 -6.86
N LEU A 180 -0.18 9.91 -5.64
CA LEU A 180 0.42 10.59 -4.52
C LEU A 180 0.33 9.59 -3.41
N ALA A 181 1.46 9.33 -2.76
CA ALA A 181 1.50 8.37 -1.65
C ALA A 181 2.72 8.63 -0.78
N GLY A 182 3.15 7.66 0.02
CA GLY A 182 4.13 7.89 1.06
C GLY A 182 5.47 8.43 0.61
N ARG A 183 5.96 8.02 -0.56
CA ARG A 183 7.27 8.47 -1.01
C ARG A 183 7.18 9.98 -1.29
N ASP A 184 6.04 10.44 -1.76
CA ASP A 184 5.85 11.88 -2.00
C ASP A 184 5.81 12.66 -0.71
N LEU A 185 5.24 12.05 0.34
CA LEU A 185 5.16 12.70 1.63
C LEU A 185 6.53 12.75 2.27
N THR A 186 7.28 11.67 2.21
CA THR A 186 8.68 11.73 2.66
C THR A 186 9.49 12.83 1.97
N ASP A 187 9.40 12.92 0.65
CA ASP A 187 10.14 13.91 -0.09
C ASP A 187 9.73 15.33 0.28
N TYR A 188 8.44 15.56 0.43
CA TYR A 188 7.95 16.87 0.85
C TYR A 188 8.44 17.22 2.25
N LEU A 189 8.53 16.23 3.14
CA LEU A 189 9.00 16.50 4.47
C LEU A 189 10.51 16.88 4.43
N MET A 190 11.26 16.23 3.57
CA MET A 190 12.66 16.60 3.35
C MET A 190 12.78 18.07 2.93
N LYS A 191 11.94 18.48 1.99
CA LYS A 191 11.95 19.82 1.46
C LYS A 191 11.64 20.88 2.52
N ILE A 192 10.57 20.67 3.27
CA ILE A 192 10.14 21.65 4.27
C ILE A 192 11.05 21.71 5.50
N LEU A 193 11.71 20.61 5.84
CA LEU A 193 12.69 20.65 6.92
C LEU A 193 13.93 21.41 6.46
N THR A 194 14.28 21.24 5.19
CA THR A 194 15.43 21.94 4.63
C THR A 194 15.11 23.42 4.57
N GLU A 195 13.85 23.77 4.32
CA GLU A 195 13.42 25.17 4.34
C GLU A 195 13.54 25.78 5.73
N ARG A 196 13.31 24.97 6.78
CA ARG A 196 13.44 25.44 8.18
C ARG A 196 14.89 25.73 8.61
N GLY A 197 15.86 25.22 7.85
CA GLY A 197 17.27 25.47 8.12
C GLY A 197 18.12 24.24 8.30
N TYR A 198 17.49 23.06 8.28
CA TYR A 198 18.22 21.81 8.32
C TYR A 198 18.66 21.46 6.89
N SER A 199 19.31 20.31 6.72
CA SER A 199 19.73 19.88 5.39
C SER A 199 19.44 18.40 5.25
N PHE A 200 18.35 18.08 4.57
CA PHE A 200 17.95 16.70 4.27
C PHE A 200 17.86 16.54 2.75
N VAL A 201 18.92 15.97 2.18
CA VAL A 201 19.08 15.88 0.73
C VAL A 201 19.55 14.50 0.24
N THR A 202 20.39 13.81 1.01
CA THR A 202 21.01 12.56 0.56
C THR A 202 20.07 11.39 0.72
N THR A 203 20.45 10.25 0.17
CA THR A 203 19.64 9.04 0.25
C THR A 203 19.59 8.53 1.70
N ALA A 204 20.69 8.65 2.45
CA ALA A 204 20.69 8.34 3.89
C ALA A 204 19.73 9.27 4.65
N GLU A 205 19.69 10.52 4.25
CA GLU A 205 18.83 11.51 4.86
C GLU A 205 17.36 11.27 4.52
N ARG A 206 17.09 10.71 3.33
CA ARG A 206 15.72 10.31 3.00
C ARG A 206 15.25 9.19 3.96
N GLU A 207 16.12 8.24 4.30
CA GLU A 207 15.74 7.21 5.26
C GLU A 207 15.42 7.77 6.63
N ILE A 208 16.24 8.72 7.10
CA ILE A 208 16.00 9.36 8.36
C ILE A 208 14.68 10.11 8.36
N VAL A 209 14.43 10.86 7.30
CA VAL A 209 13.20 11.64 7.24
C VAL A 209 11.99 10.72 7.14
N ARG A 210 12.10 9.58 6.47
CA ARG A 210 10.99 8.63 6.44
C ARG A 210 10.68 8.20 7.90
N ASP A 211 11.72 7.98 8.71
CA ASP A 211 11.52 7.61 10.10
C ASP A 211 10.85 8.71 10.91
N ILE A 212 11.26 9.96 10.70
CA ILE A 212 10.65 11.11 11.36
C ILE A 212 9.17 11.13 11.03
N LYS A 213 8.86 11.04 9.74
CA LYS A 213 7.49 10.96 9.25
C LYS A 213 6.65 9.91 9.96
N GLU A 214 7.18 8.69 10.08
CA GLU A 214 6.43 7.58 10.62
C GLU A 214 6.24 7.69 12.13
N LYS A 215 7.12 8.41 12.81
CA LYS A 215 7.04 8.57 14.26
C LYS A 215 6.33 9.80 14.75
N LEU A 216 6.39 10.89 13.99
CA LEU A 216 5.97 12.19 14.52
C LEU A 216 4.91 12.91 13.71
N CYS A 217 4.61 12.49 12.49
CA CYS A 217 3.57 13.19 11.71
C CYS A 217 2.17 12.77 12.13
N TYR A 218 1.21 13.64 11.83
CA TYR A 218 -0.19 13.42 12.13
C TYR A 218 -1.03 14.34 11.27
N VAL A 219 -2.31 14.04 11.18
CA VAL A 219 -3.23 14.85 10.38
C VAL A 219 -4.00 15.76 11.31
N ALA A 220 -3.92 17.07 11.04
CA ALA A 220 -4.65 18.03 11.81
C ALA A 220 -6.13 17.99 11.44
N LEU A 221 -6.97 18.20 12.42
CA LEU A 221 -8.39 18.25 12.17
C LEU A 221 -8.78 19.50 11.40
N ASP A 222 -8.15 20.63 11.76
CA ASP A 222 -8.36 21.91 11.09
C ASP A 222 -6.96 22.45 10.84
N PHE A 223 -6.57 22.48 9.57
CA PHE A 223 -5.23 22.86 9.19
C PHE A 223 -4.90 24.27 9.63
N GLU A 224 -5.78 25.22 9.33
CA GLU A 224 -5.51 26.61 9.68
C GLU A 224 -5.30 26.81 11.18
N ASN A 225 -6.18 26.21 11.98
CA ASN A 225 -6.07 26.35 13.42
C ASN A 225 -4.77 25.78 13.93
N GLU A 226 -4.34 24.65 13.36
CA GLU A 226 -3.09 24.05 13.77
C GLU A 226 -1.87 24.90 13.34
N MET A 227 -1.96 25.51 12.17
CA MET A 227 -0.89 26.40 11.78
C MET A 227 -0.79 27.59 12.76
N ALA A 228 -1.93 28.12 13.18
CA ALA A 228 -1.96 29.25 14.11
C ALA A 228 -1.34 28.83 15.48
N THR A 229 -1.65 27.64 15.95
CA THR A 229 -1.03 27.16 17.19
C THR A 229 0.49 27.06 17.07
N ALA A 230 0.95 26.49 15.97
CA ALA A 230 2.40 26.35 15.73
C ALA A 230 3.12 27.69 15.58
N ALA A 231 2.42 28.69 15.06
CA ALA A 231 2.98 30.00 14.83
C ALA A 231 3.20 30.76 16.14
N SER A 232 2.34 30.50 17.12
CA SER A 232 2.26 31.31 18.33
C SER A 232 2.75 30.62 19.59
N SER A 233 3.19 29.38 19.46
CA SER A 233 3.54 28.55 20.62
C SER A 233 4.44 27.41 20.17
N SER A 234 5.07 26.74 21.13
CA SER A 234 5.83 25.52 20.88
C SER A 234 5.11 24.27 21.32
N SER A 235 3.81 24.39 21.54
CA SER A 235 3.01 23.30 22.10
C SER A 235 3.00 22.05 21.25
N LEU A 236 3.13 22.20 19.93
CA LEU A 236 3.08 21.09 19.00
C LEU A 236 4.45 20.52 18.63
N GLU A 237 5.50 21.07 19.22
CA GLU A 237 6.86 20.71 18.81
C GLU A 237 7.30 19.39 19.45
N LYS A 238 8.04 18.61 18.67
CA LYS A 238 8.67 17.38 19.13
C LYS A 238 10.12 17.37 18.73
N SER A 239 10.92 16.68 19.51
CA SER A 239 12.34 16.53 19.24
C SER A 239 12.60 15.16 18.66
N TYR A 240 13.66 15.06 17.87
CA TYR A 240 14.05 13.79 17.25
C TYR A 240 15.58 13.76 17.16
N GLU A 241 16.18 12.68 17.66
CA GLU A 241 17.62 12.55 17.68
C GLU A 241 18.06 11.86 16.41
N LEU A 242 18.84 12.55 15.60
CA LEU A 242 19.43 11.97 14.41
C LEU A 242 20.44 10.89 14.83
N PRO A 243 20.85 10.03 13.90
CA PRO A 243 21.82 8.97 14.19
C PRO A 243 23.04 9.46 15.02
N ASP A 244 23.68 10.52 14.55
CA ASP A 244 24.83 11.13 15.23
C ASP A 244 24.54 11.94 16.54
N GLY A 245 23.29 11.93 17.01
CA GLY A 245 22.95 12.51 18.30
C GLY A 245 22.45 13.95 18.27
N GLN A 246 22.62 14.61 17.14
CA GLN A 246 22.07 15.95 16.94
C GLN A 246 20.56 15.90 17.07
N VAL A 247 20.00 16.85 17.81
CA VAL A 247 18.58 16.87 18.05
C VAL A 247 18.01 17.97 17.18
N ILE A 248 16.98 17.63 16.43
CA ILE A 248 16.25 18.60 15.66
C ILE A 248 14.84 18.71 16.24
N THR A 249 14.20 19.82 15.96
CA THR A 249 12.86 20.07 16.46
C THR A 249 11.92 20.19 15.28
N ILE A 250 10.80 19.49 15.37
CA ILE A 250 9.77 19.52 14.34
C ILE A 250 8.48 20.08 14.94
N GLY A 251 7.90 21.04 14.23
CA GLY A 251 6.69 21.71 14.66
C GLY A 251 5.59 21.55 13.63
N ASN A 252 5.27 22.59 12.89
CA ASN A 252 4.16 22.46 11.93
C ASN A 252 4.41 21.45 10.81
N GLU A 253 5.67 21.10 10.58
CA GLU A 253 6.00 20.07 9.59
C GLU A 253 5.31 18.73 9.93
N ARG A 254 5.01 18.51 11.21
CA ARG A 254 4.37 17.30 11.62
C ARG A 254 3.03 17.07 10.89
N PHE A 255 2.25 18.13 10.71
CA PHE A 255 0.93 17.97 10.10
C PHE A 255 0.88 18.55 8.67
N ARG A 256 1.86 19.38 8.32
CA ARG A 256 1.93 19.89 6.93
C ARG A 256 2.26 18.80 5.93
N CYS A 257 3.03 17.81 6.38
CA CYS A 257 3.44 16.72 5.51
C CYS A 257 2.21 15.92 5.06
N PRO A 258 1.44 15.28 5.97
CA PRO A 258 0.26 14.53 5.52
C PRO A 258 -0.91 15.38 5.04
N GLU A 259 -0.89 16.69 5.30
CA GLU A 259 -1.97 17.54 4.80
C GLU A 259 -2.02 17.45 3.27
N THR A 260 -0.90 17.16 2.66
CA THR A 260 -0.82 17.01 1.22
C THR A 260 -1.81 15.95 0.66
N LEU A 261 -2.13 14.93 1.45
CA LEU A 261 -3.14 13.94 1.06
C LEU A 261 -4.52 14.57 0.77
N PHE A 262 -4.85 15.58 1.54
CA PHE A 262 -6.13 16.29 1.41
C PHE A 262 -5.99 17.47 0.45
N GLN A 263 -4.77 17.95 0.27
CA GLN A 263 -4.52 19.11 -0.63
C GLN A 263 -3.26 18.86 -1.45
N PRO A 264 -3.38 18.04 -2.50
CA PRO A 264 -2.20 17.68 -3.33
C PRO A 264 -1.46 18.88 -3.97
N SER A 265 -2.09 20.04 -4.15
CA SER A 265 -1.35 21.15 -4.77
C SER A 265 -0.22 21.65 -3.93
N PHE A 266 -0.14 21.30 -2.64
CA PHE A 266 1.07 21.66 -1.89
C PHE A 266 2.38 21.17 -2.57
N ILE A 267 2.32 20.06 -3.29
CA ILE A 267 3.49 19.55 -4.01
C ILE A 267 3.32 19.70 -5.54
N GLY A 268 2.37 20.55 -5.93
CA GLY A 268 2.15 20.91 -7.33
C GLY A 268 1.37 19.92 -8.14
N MET A 269 0.66 19.03 -7.46
CA MET A 269 -0.18 18.06 -8.10
C MET A 269 -1.57 18.67 -8.22
N GLU A 270 -2.09 18.66 -9.45
CA GLU A 270 -3.36 19.30 -9.77
C GLU A 270 -4.44 18.24 -9.70
N SER A 271 -4.58 17.64 -8.53
CA SER A 271 -5.51 16.53 -8.34
C SER A 271 -6.34 16.74 -7.09
N ALA A 272 -7.53 16.14 -7.09
CA ALA A 272 -8.37 16.07 -5.92
C ALA A 272 -7.65 15.34 -4.77
N GLY A 273 -7.92 15.74 -3.53
CA GLY A 273 -7.40 15.03 -2.36
C GLY A 273 -8.24 13.81 -2.05
N ILE A 274 -7.82 13.04 -1.04
CA ILE A 274 -8.35 11.70 -0.76
C ILE A 274 -9.82 11.71 -0.28
N HIS A 275 -10.27 12.78 0.33
CA HIS A 275 -11.68 12.92 0.65
C HIS A 275 -12.53 13.09 -0.60
N GLU A 276 -12.01 13.86 -1.54
CA GLU A 276 -12.72 14.18 -2.78
C GLU A 276 -12.76 12.98 -3.72
N THR A 277 -11.64 12.25 -3.84
CA THR A 277 -11.63 11.03 -4.63
C THR A 277 -12.57 9.98 -4.06
N THR A 278 -12.69 9.91 -2.74
CA THR A 278 -13.58 8.97 -2.09
C THR A 278 -15.02 9.28 -2.46
N TYR A 279 -15.38 10.55 -2.30
CA TYR A 279 -16.69 11.03 -2.65
C TYR A 279 -16.98 10.73 -4.15
N ASN A 280 -16.04 11.06 -5.02
CA ASN A 280 -16.24 10.87 -6.47
C ASN A 280 -16.46 9.37 -6.83
N SER A 281 -15.71 8.51 -6.18
CA SER A 281 -15.82 7.09 -6.37
C SER A 281 -17.20 6.55 -5.95
N ILE A 282 -17.67 7.00 -4.79
CA ILE A 282 -19.00 6.65 -4.32
C ILE A 282 -20.08 7.08 -5.31
N MET A 283 -19.92 8.28 -5.87
CA MET A 283 -20.87 8.89 -6.78
C MET A 283 -20.91 8.24 -8.17
N LYS A 284 -19.86 7.51 -8.48
CA LYS A 284 -19.82 6.68 -9.68
C LYS A 284 -20.61 5.40 -9.50
N CYS A 285 -21.01 5.07 -8.27
CA CYS A 285 -21.70 3.83 -8.03
C CYS A 285 -23.22 4.00 -8.07
N ASP A 286 -23.94 2.90 -8.24
CA ASP A 286 -25.40 2.89 -8.19
C ASP A 286 -25.93 3.53 -6.92
N ILE A 287 -26.95 4.39 -7.05
CA ILE A 287 -27.47 5.11 -5.88
C ILE A 287 -27.89 4.14 -4.78
N ASP A 288 -28.37 2.96 -5.16
CA ASP A 288 -28.85 1.98 -4.18
C ASP A 288 -27.80 1.47 -3.22
N ILE A 289 -26.52 1.54 -3.60
CA ILE A 289 -25.48 1.03 -2.70
C ILE A 289 -24.64 2.12 -2.10
N ARG A 290 -24.88 3.38 -2.48
CA ARG A 290 -24.03 4.47 -1.97
C ARG A 290 -24.09 4.57 -0.46
N LYS A 291 -25.25 4.34 0.16
CA LYS A 291 -25.30 4.44 1.62
C LYS A 291 -24.48 3.34 2.30
N ASP A 292 -24.43 2.15 1.71
CA ASP A 292 -23.62 1.04 2.21
C ASP A 292 -22.13 1.43 2.13
N LEU A 293 -21.74 2.12 1.06
CA LEU A 293 -20.33 2.56 0.93
C LEU A 293 -19.97 3.63 1.95
N TYR A 294 -20.83 4.63 2.13
CA TYR A 294 -20.58 5.71 3.08
C TYR A 294 -20.43 5.19 4.51
N ALA A 295 -21.18 4.14 4.83
CA ALA A 295 -21.15 3.53 6.16
C ALA A 295 -20.03 2.52 6.36
N ASN A 296 -19.21 2.30 5.32
CA ASN A 296 -18.17 1.27 5.35
C ASN A 296 -16.96 1.71 4.56
N ASN A 297 -16.44 2.88 4.94
CA ASN A 297 -15.19 3.45 4.42
C ASN A 297 -14.02 2.83 5.19
N VAL A 298 -13.22 1.96 4.59
CA VAL A 298 -12.12 1.29 5.27
C VAL A 298 -10.79 1.81 4.75
N MET A 299 -9.91 2.20 5.66
CA MET A 299 -8.56 2.67 5.33
C MET A 299 -7.57 1.54 5.40
N SER A 300 -6.71 1.47 4.39
CA SER A 300 -5.71 0.43 4.25
C SER A 300 -4.36 1.04 3.80
N GLY A 301 -3.26 0.49 4.30
CA GLY A 301 -1.93 0.84 3.82
C GLY A 301 -1.18 1.77 4.75
N GLY A 302 0.14 1.78 4.59
CA GLY A 302 1.01 2.52 5.48
C GLY A 302 0.72 3.99 5.56
N THR A 303 0.32 4.59 4.45
CA THR A 303 0.09 6.02 4.41
C THR A 303 -1.26 6.47 5.00
N THR A 304 -2.06 5.52 5.47
CA THR A 304 -3.23 5.84 6.25
C THR A 304 -2.93 5.74 7.76
N MET A 305 -1.67 5.51 8.13
CA MET A 305 -1.35 5.27 9.55
C MET A 305 -1.30 6.54 10.43
N TYR A 306 -1.39 7.72 9.81
CA TYR A 306 -1.31 8.97 10.56
C TYR A 306 -2.41 9.11 11.59
N PRO A 307 -2.02 9.37 12.84
CA PRO A 307 -3.01 9.71 13.87
C PRO A 307 -3.85 10.89 13.39
N GLY A 308 -5.16 10.81 13.54
CA GLY A 308 -6.01 11.92 13.12
C GLY A 308 -6.64 11.75 11.76
N ILE A 309 -6.16 10.81 10.95
CA ILE A 309 -6.63 10.73 9.58
C ILE A 309 -8.10 10.34 9.47
N ALA A 310 -8.59 9.44 10.34
CA ALA A 310 -9.98 8.99 10.24
C ALA A 310 -10.94 10.10 10.64
N ASP A 311 -10.62 10.82 11.73
CA ASP A 311 -11.42 11.95 12.15
C ASP A 311 -11.47 13.01 11.05
N ARG A 312 -10.33 13.21 10.40
CA ARG A 312 -10.30 14.25 9.38
C ARG A 312 -11.14 13.85 8.17
N MET A 313 -11.03 12.60 7.77
CA MET A 313 -11.84 12.05 6.70
C MET A 313 -13.32 12.12 7.02
N GLN A 314 -13.68 11.83 8.26
CA GLN A 314 -15.07 11.91 8.71
C GLN A 314 -15.58 13.33 8.48
N LYS A 315 -14.79 14.33 8.87
CA LYS A 315 -15.16 15.74 8.76
C LYS A 315 -15.30 16.12 7.31
N GLU A 316 -14.33 15.74 6.49
CA GLU A 316 -14.31 16.18 5.09
C GLU A 316 -15.43 15.52 4.28
N ILE A 317 -15.63 14.22 4.46
CA ILE A 317 -16.71 13.52 3.75
C ILE A 317 -18.09 14.03 4.18
N THR A 318 -18.26 14.31 5.49
CA THR A 318 -19.49 14.89 5.99
C THR A 318 -19.85 16.19 5.24
N ALA A 319 -18.85 17.04 4.99
CA ALA A 319 -19.07 18.31 4.30
C ALA A 319 -19.48 18.16 2.83
N LEU A 320 -19.08 17.06 2.20
CA LEU A 320 -19.40 16.76 0.79
C LEU A 320 -20.74 16.00 0.58
N ALA A 321 -21.09 15.15 1.54
CA ALA A 321 -22.21 14.22 1.42
C ALA A 321 -23.53 14.91 1.78
N PRO A 322 -24.65 14.32 1.40
CA PRO A 322 -25.95 14.81 1.85
C PRO A 322 -26.05 14.89 3.37
N SER A 323 -26.76 15.89 3.89
CA SER A 323 -26.85 16.09 5.35
C SER A 323 -27.49 14.94 6.12
N THR A 324 -28.28 14.10 5.45
CA THR A 324 -28.93 12.96 6.12
C THR A 324 -28.06 11.69 6.10
N MET A 325 -26.83 11.76 5.61
CA MET A 325 -26.02 10.55 5.37
C MET A 325 -25.23 10.07 6.59
N LYS A 326 -25.31 8.76 6.84
CA LYS A 326 -24.53 8.07 7.85
C LYS A 326 -23.15 7.71 7.31
N ILE A 327 -22.10 8.25 7.91
CA ILE A 327 -20.73 8.07 7.45
C ILE A 327 -19.92 7.37 8.53
N LYS A 328 -19.20 6.33 8.16
CA LYS A 328 -18.28 5.64 9.05
C LYS A 328 -16.94 5.40 8.35
N ILE A 329 -15.85 5.82 9.01
CA ILE A 329 -14.48 5.59 8.56
C ILE A 329 -13.88 4.57 9.53
N ILE A 330 -13.47 3.43 8.99
CA ILE A 330 -12.89 2.34 9.75
C ILE A 330 -11.40 2.32 9.47
N ALA A 331 -10.61 2.42 10.52
CA ALA A 331 -9.16 2.46 10.39
C ALA A 331 -8.57 1.46 11.37
N PRO A 332 -8.47 0.21 10.95
CA PRO A 332 -7.94 -0.84 11.80
C PRO A 332 -6.51 -0.59 12.24
N PRO A 333 -6.16 -0.90 13.50
CA PRO A 333 -4.78 -0.74 13.97
C PRO A 333 -3.73 -1.49 13.13
N GLU A 334 -4.13 -2.58 12.50
CA GLU A 334 -3.19 -3.42 11.76
C GLU A 334 -3.15 -3.07 10.26
N ARG A 335 -3.58 -1.87 9.89
CA ARG A 335 -3.80 -1.56 8.46
C ARG A 335 -2.53 -1.41 7.60
N LYS A 336 -1.36 -1.34 8.22
CA LYS A 336 -0.09 -1.47 7.49
C LYS A 336 -0.06 -2.80 6.75
N TYR A 337 -0.68 -3.84 7.34
CA TYR A 337 -0.61 -5.20 6.82
C TYR A 337 -1.96 -5.83 6.47
N SER A 338 -3.03 -5.03 6.41
CA SER A 338 -4.35 -5.59 6.19
C SER A 338 -4.51 -6.26 4.81
N VAL A 339 -3.75 -5.81 3.80
CA VAL A 339 -3.81 -6.50 2.49
C VAL A 339 -3.30 -7.92 2.69
N TRP A 340 -2.13 -8.04 3.34
CA TRP A 340 -1.52 -9.33 3.59
C TRP A 340 -2.49 -10.19 4.41
N ILE A 341 -3.10 -9.63 5.45
CA ILE A 341 -3.97 -10.40 6.34
C ILE A 341 -5.15 -10.91 5.56
N GLY A 342 -5.74 -10.06 4.73
CA GLY A 342 -6.81 -10.46 3.85
C GLY A 342 -6.45 -11.64 2.96
N GLY A 343 -5.25 -11.62 2.40
CA GLY A 343 -4.72 -12.73 1.59
C GLY A 343 -4.52 -14.02 2.40
N SER A 344 -3.99 -13.88 3.59
CA SER A 344 -3.86 -15.00 4.55
C SER A 344 -5.19 -15.68 4.85
N ILE A 345 -6.22 -14.90 5.12
CA ILE A 345 -7.50 -15.48 5.52
C ILE A 345 -8.28 -15.98 4.31
N LEU A 346 -8.03 -15.40 3.13
CA LEU A 346 -8.66 -15.88 1.91
C LEU A 346 -8.08 -17.26 1.54
N ALA A 347 -6.75 -17.36 1.55
CA ALA A 347 -6.06 -18.59 1.14
C ALA A 347 -6.38 -19.76 2.09
N SER A 348 -6.78 -19.45 3.31
CA SER A 348 -7.12 -20.45 4.35
C SER A 348 -8.56 -20.93 4.25
N LEU A 349 -9.40 -20.18 3.53
CA LEU A 349 -10.82 -20.45 3.46
C LEU A 349 -11.13 -21.74 2.68
N SER A 350 -12.03 -22.58 3.22
CA SER A 350 -12.38 -23.84 2.57
C SER A 350 -13.00 -23.60 1.19
N THR A 351 -13.89 -22.61 1.09
CA THR A 351 -14.56 -22.29 -0.18
C THR A 351 -13.65 -21.65 -1.23
N PHE A 352 -12.41 -21.32 -0.85
CA PHE A 352 -11.41 -20.77 -1.79
C PHE A 352 -10.55 -21.86 -2.45
N GLN A 353 -10.50 -23.07 -1.87
CA GLN A 353 -9.56 -24.09 -2.36
C GLN A 353 -9.82 -24.50 -3.83
N GLN A 354 -11.06 -24.34 -4.27
CA GLN A 354 -11.46 -24.63 -5.64
C GLN A 354 -11.00 -23.53 -6.61
N MET A 355 -10.68 -22.35 -6.06
CA MET A 355 -10.36 -21.19 -6.89
C MET A 355 -8.91 -21.12 -7.31
N TRP A 356 -8.00 -21.84 -6.64
CA TRP A 356 -6.61 -21.88 -7.06
C TRP A 356 -6.51 -22.35 -8.52
N ILE A 357 -5.63 -21.68 -9.28
CA ILE A 357 -5.13 -22.22 -10.53
C ILE A 357 -4.09 -23.29 -10.20
N THR A 358 -4.27 -24.51 -10.70
CA THR A 358 -3.29 -25.55 -10.47
C THR A 358 -2.25 -25.60 -11.57
N LYS A 359 -1.10 -26.20 -11.28
CA LYS A 359 -0.03 -26.31 -12.27
C LYS A 359 -0.53 -27.09 -13.49
N GLN A 360 -1.43 -28.05 -13.24
CA GLN A 360 -1.99 -28.87 -14.31
C GLN A 360 -2.80 -27.99 -15.25
N GLU A 361 -3.63 -27.11 -14.67
CA GLU A 361 -4.48 -26.22 -15.44
C GLU A 361 -3.62 -25.26 -16.25
N TYR A 362 -2.55 -24.75 -15.65
CA TYR A 362 -1.65 -23.89 -16.40
C TYR A 362 -1.03 -24.68 -17.55
N ASP A 363 -0.59 -25.90 -17.29
CA ASP A 363 0.11 -26.70 -18.31
C ASP A 363 -0.78 -26.98 -19.53
N GLU A 364 -2.09 -27.11 -19.32
CA GLU A 364 -3.07 -27.29 -20.40
C GLU A 364 -3.57 -26.02 -21.07
N ALA A 365 -3.84 -24.97 -20.28
CA ALA A 365 -4.51 -23.76 -20.75
C ALA A 365 -3.59 -22.56 -21.05
N GLY A 366 -2.41 -22.54 -20.45
CA GLY A 366 -1.49 -21.42 -20.60
C GLY A 366 -1.82 -20.28 -19.67
N PRO A 367 -1.06 -19.19 -19.76
CA PRO A 367 -1.22 -18.06 -18.83
C PRO A 367 -2.61 -17.43 -18.80
N SER A 368 -3.37 -17.53 -19.88
CA SER A 368 -4.67 -16.87 -19.94
C SER A 368 -5.69 -17.52 -19.00
N ILE A 369 -5.32 -18.64 -18.38
CA ILE A 369 -6.12 -19.24 -17.32
C ILE A 369 -6.44 -18.21 -16.23
N VAL A 370 -5.54 -17.26 -15.98
CA VAL A 370 -5.76 -16.24 -14.94
C VAL A 370 -7.07 -15.45 -15.13
N HIS A 371 -7.47 -15.18 -16.36
CA HIS A 371 -8.69 -14.43 -16.64
C HIS A 371 -9.97 -15.25 -16.32
N ARG A 372 -9.85 -16.57 -16.43
CA ARG A 372 -10.97 -17.48 -16.16
C ARG A 372 -11.16 -17.72 -14.65
N LYS A 373 -10.08 -17.65 -13.88
CA LYS A 373 -10.10 -18.15 -12.50
C LYS A 373 -9.89 -17.07 -11.44
N CYS A 374 -9.29 -15.94 -11.80
CA CYS A 374 -9.03 -14.90 -10.82
C CYS A 374 -9.91 -13.69 -11.04
N PHE A 375 -10.80 -13.46 -10.08
CA PHE A 375 -11.74 -12.34 -10.10
CA CA B . 0.26 -1.98 -1.32
PG ATP C . 1.88 0.78 -2.77
O1G ATP C . 2.23 0.04 -4.00
O2G ATP C . 1.76 2.28 -3.03
O3G ATP C . 0.65 0.20 -2.06
PB ATP C . 3.32 -0.45 -0.54
O1B ATP C . 4.73 -0.70 -0.51
O2B ATP C . 2.38 -1.62 -0.70
O3B ATP C . 3.13 0.61 -1.75
PA ATP C . 2.64 0.08 2.21
O1A ATP C . 1.17 -0.05 2.41
O2A ATP C . 3.47 -1.15 2.57
O3A ATP C . 2.90 0.51 0.67
O5' ATP C . 3.18 1.38 2.97
C5' ATP C . 4.52 1.80 2.98
C4' ATP C . 4.49 3.31 3.13
O4' ATP C . 3.80 3.64 4.33
C3' ATP C . 5.83 4.01 3.20
O3' ATP C . 5.72 5.25 2.45
C2' ATP C . 5.96 4.22 4.68
O2' ATP C . 6.81 5.24 5.04
C1' ATP C . 4.55 4.56 5.07
N9 ATP C . 4.30 4.38 6.49
C8 ATP C . 4.51 3.23 7.18
N7 ATP C . 4.19 3.44 8.48
C5 ATP C . 3.76 4.70 8.62
C6 ATP C . 3.31 5.38 9.75
N6 ATP C . 3.42 4.85 10.98
N1 ATP C . 2.93 6.68 9.60
C2 ATP C . 3.01 7.28 8.36
N3 ATP C . 3.44 6.59 7.23
C4 ATP C . 3.83 5.31 7.37
O40 SPX D . -6.10 -15.00 17.30
C40 SPX D . -7.18 -14.69 16.84
C39 SPX D . -7.29 -14.21 15.43
C9 SPX D . -8.45 -13.85 14.89
C10 SPX D . -9.74 -13.94 15.77
O10 SPX D . -10.32 -12.67 15.94
C8 SPX D . -8.32 -13.43 13.49
C7 SPX D . -8.99 -14.35 12.62
O7 SPX D . -8.81 -15.78 12.71
C48 SPX D . -9.95 -16.53 12.25
C6 SPX D . -8.70 -13.92 11.18
C5 SPX D . -9.06 -12.58 10.78
C38 SPX D . -8.21 -11.31 10.93
C4 SPX D . -10.31 -12.64 10.25
C3 SPX D . -11.07 -11.45 9.64
C2 SPX D . -12.22 -11.35 8.96
C1 SPX D . -13.13 -12.47 8.59
O1 SPX D . -13.15 -13.65 8.88
O25 SPX D . -14.01 -11.97 7.72
O11 SPX D . -8.30 -14.78 17.63
C11 SPX D . -9.60 -15.02 16.93
C12 SPX D . -10.80 -14.70 17.89
C41 SPX D . -10.65 -15.58 19.16
C13 SPX D . -12.14 -14.97 17.19
O13 SPX D . -12.20 -16.41 17.00
C49 SPX D . -12.82 -17.00 15.88
C14 SPX D . -13.27 -14.34 17.82
C15 SPX D . -13.67 -12.95 17.39
O15 SPX D . -14.71 -12.43 18.25
C50 SPX D . -15.09 -10.99 18.11
C16 SPX D . -14.16 -13.00 16.04
C17 SPX D . -13.69 -12.19 15.09
C18 SPX D . -14.20 -12.24 13.69
C42 SPX D . -13.20 -13.04 12.96
C19 SPX D . -14.58 -10.73 13.27
O19 SPX D . -13.46 -9.93 13.44
C20 SPX D . -15.19 -10.61 11.83
C21 SPX D . -16.22 -11.48 11.25
O21 SPX D . -17.40 -11.05 11.84
C51 SPX D . -18.74 -11.00 11.60
C22 SPX D . -16.32 -11.41 9.82
C23 SPX D . -16.36 -12.46 9.05
C24 SPX D . -16.46 -12.24 7.53
C43 SPX D . -17.75 -12.87 7.07
C25 SPX D . -15.07 -12.76 7.04
C26 SPX D . -14.94 -12.64 5.41
C44 SPX D . -15.02 -11.09 5.01
C27 SPX D . -13.68 -13.32 4.97
O27 SPX D . -13.82 -14.78 5.36
C52 SPX D . -12.68 -15.39 5.99
C28 SPX D . -13.35 -13.23 3.37
C45 SPX D . -11.95 -13.84 3.05
C29 SPX D . -14.45 -13.85 2.57
C30 SPX D . -14.23 -13.68 1.04
C31 SPX D . -15.43 -14.20 0.27
O31 SPX D . -16.40 -14.80 0.71
C32 SPX D . -15.22 -13.86 -1.24
C46 SPX D . -16.38 -12.99 -1.81
C33 SPX D . -15.16 -15.32 -1.91
O33 SPX D . -14.08 -16.05 -1.35
C53 SPX D . -14.29 -17.46 -1.41
C34 SPX D . -14.97 -15.20 -3.55
C35 SPX D . -13.63 -14.49 -3.83
C36 SPX D . -13.72 -13.26 -4.44
N36 SPX D . -12.51 -12.46 -4.80
C47 SPX D . -11.16 -12.87 -4.63
C37 SPX D . -12.85 -11.21 -5.36
O37 SPX D . -11.98 -10.40 -5.67
#